data_3ETU
#
_entry.id   3ETU
#
_cell.length_a   110.620
_cell.length_b   110.620
_cell.length_c   77.203
_cell.angle_alpha   90.00
_cell.angle_beta   90.00
_cell.angle_gamma   120.00
#
_symmetry.space_group_name_H-M   'P 32 2 1'
#
loop_
_entity.id
_entity.type
_entity.pdbx_description
1 polymer 'Protein transport protein DSL1'
2 water water
#
_entity_poly.entity_id   1
_entity_poly.type   'polypeptide(L)'
_entity_poly.pdbx_seq_one_letter_code
;GAMGMESLFPNKGEIIRELLKDPLILKNDSKRSNGSELELDSSDLLQREAILANELNILDNLKTFLNLIKEVKTNLNILE
LENCYYSLQSLRKKMRNNAAYLKQSFNFQQSISTYVDTLHLELVSTLYKILTNGFWKITENSIQFTPTVEWGKDKVHIEY
DTFMDFVAQQYFPKGSLDNQAWFILDMTSADSQEQVRAKLNTIMKEYMNLSRIVSMIKNSIFISGKEISYENEKNILVFS
KSSSHGQHCVSTVLTSFEAVCDFMLDGLAFRDRKTLSYELGPLFNTEFTKFVKNNASIILESLDSPLKNLVSVINNKLTR
LVAKSEVTNWTHSGKEIQDLLMNKQLYYNLLLDKVLESHISEIRS
;
_entity_poly.pdbx_strand_id   A
#
# COMPACT_ATOMS: atom_id res chain seq x y z
N ASP A 41 17.54 -61.75 20.68
CA ASP A 41 18.77 -61.30 19.96
C ASP A 41 18.65 -61.42 18.44
N SER A 42 17.97 -62.45 17.96
CA SER A 42 17.64 -62.51 16.52
C SER A 42 16.57 -61.47 16.16
N SER A 43 15.75 -61.10 17.14
CA SER A 43 14.83 -59.97 16.96
C SER A 43 15.60 -58.66 16.87
N ASP A 44 16.65 -58.51 17.69
CA ASP A 44 17.54 -57.34 17.62
C ASP A 44 18.22 -57.31 16.27
N LEU A 45 18.65 -58.48 15.82
CA LEU A 45 19.30 -58.64 14.51
C LEU A 45 18.34 -58.27 13.38
N LEU A 46 17.07 -58.69 13.52
CA LEU A 46 16.03 -58.41 12.52
C LEU A 46 15.77 -56.91 12.42
N GLN A 47 15.40 -56.32 13.55
CA GLN A 47 15.23 -54.86 13.72
C GLN A 47 16.39 -54.04 13.14
N ARG A 48 17.62 -54.45 13.42
CA ARG A 48 18.82 -53.82 12.92
C ARG A 48 18.88 -53.89 11.39
N GLU A 49 18.32 -54.96 10.83
CA GLU A 49 18.35 -55.17 9.38
C GLU A 49 17.20 -54.40 8.76
N ALA A 50 16.08 -54.27 9.50
CA ALA A 50 14.95 -53.47 9.07
C ALA A 50 15.40 -52.03 8.93
N ILE A 51 16.01 -51.53 10.00
CA ILE A 51 16.44 -50.14 10.08
C ILE A 51 17.38 -49.84 8.91
N LEU A 52 18.43 -50.63 8.73
CA LEU A 52 19.38 -50.43 7.62
C LEU A 52 18.75 -50.49 6.25
N ALA A 53 17.66 -51.23 6.14
CA ALA A 53 17.03 -51.47 4.85
C ALA A 53 16.28 -50.23 4.41
N ASN A 54 15.88 -49.43 5.38
CA ASN A 54 15.17 -48.19 5.15
C ASN A 54 16.06 -46.95 5.13
N GLU A 55 17.34 -47.12 5.42
CA GLU A 55 18.24 -45.99 5.51
C GLU A 55 18.29 -45.15 4.23
N LEU A 56 18.60 -45.78 3.11
CA LEU A 56 18.82 -45.03 1.86
C LEU A 56 17.56 -44.27 1.43
N ASN A 57 16.40 -44.81 1.79
CA ASN A 57 15.11 -44.17 1.53
C ASN A 57 14.95 -42.89 2.36
N ILE A 58 15.27 -42.97 3.65
CA ILE A 58 15.24 -41.80 4.54
C ILE A 58 16.18 -40.67 4.09
N LEU A 59 17.42 -41.00 3.76
CA LEU A 59 18.38 -40.00 3.33
C LEU A 59 18.00 -39.37 2.01
N ASP A 60 17.40 -40.16 1.12
CA ASP A 60 16.98 -39.66 -0.17
C ASP A 60 15.85 -38.66 0.03
N ASN A 61 14.89 -39.06 0.86
CA ASN A 61 13.79 -38.18 1.23
C ASN A 61 14.30 -36.86 1.81
N LEU A 62 15.18 -36.94 2.81
CA LEU A 62 15.79 -35.76 3.41
C LEU A 62 16.48 -34.90 2.35
N LYS A 63 17.30 -35.53 1.49
CA LYS A 63 18.00 -34.84 0.40
C LYS A 63 17.07 -33.95 -0.44
N THR A 64 15.91 -34.50 -0.84
CA THR A 64 14.88 -33.78 -1.57
C THR A 64 14.43 -32.51 -0.82
N PHE A 65 13.95 -32.69 0.41
CA PHE A 65 13.53 -31.57 1.26
C PHE A 65 14.56 -30.46 1.35
N LEU A 66 15.83 -30.83 1.48
CA LEU A 66 16.92 -29.87 1.56
C LEU A 66 17.12 -29.12 0.26
N ASN A 67 16.89 -29.80 -0.87
CA ASN A 67 16.99 -29.15 -2.18
C ASN A 67 15.90 -28.11 -2.38
N LEU A 68 14.71 -28.41 -1.87
CA LEU A 68 13.56 -27.54 -1.99
C LEU A 68 13.70 -26.34 -1.07
N ILE A 69 14.30 -26.57 0.10
CA ILE A 69 14.54 -25.52 1.07
C ILE A 69 15.66 -24.63 0.55
N LYS A 70 16.71 -25.23 0.01
CA LYS A 70 17.78 -24.48 -0.65
C LYS A 70 17.20 -23.52 -1.71
N GLU A 71 16.20 -24.01 -2.47
CA GLU A 71 15.51 -23.21 -3.49
C GLU A 71 14.88 -21.96 -2.89
N VAL A 72 13.98 -22.16 -1.92
CA VAL A 72 13.39 -21.08 -1.15
C VAL A 72 14.45 -20.08 -0.70
N LYS A 73 15.50 -20.57 -0.05
CA LYS A 73 16.54 -19.71 0.49
C LYS A 73 17.40 -19.01 -0.56
N THR A 74 17.66 -19.68 -1.68
CA THR A 74 18.44 -19.06 -2.76
C THR A 74 17.66 -17.86 -3.30
N ASN A 75 16.40 -18.10 -3.67
CA ASN A 75 15.54 -17.07 -4.22
C ASN A 75 15.38 -15.87 -3.29
N LEU A 76 15.29 -16.15 -2.00
CA LEU A 76 15.12 -15.13 -0.98
C LEU A 76 16.36 -14.25 -0.87
N ASN A 77 17.53 -14.86 -1.00
CA ASN A 77 18.79 -14.12 -0.91
C ASN A 77 19.06 -13.24 -2.13
N ILE A 78 18.65 -13.72 -3.31
CA ILE A 78 18.83 -12.97 -4.56
C ILE A 78 17.58 -12.12 -4.86
N LEU A 79 16.68 -12.10 -3.88
CA LEU A 79 15.46 -11.31 -3.90
C LEU A 79 14.60 -11.55 -5.14
N GLU A 80 14.53 -12.81 -5.58
CA GLU A 80 13.55 -13.23 -6.57
C GLU A 80 12.30 -13.67 -5.81
N LEU A 81 11.61 -12.71 -5.21
CA LEU A 81 10.56 -12.94 -4.21
C LEU A 81 9.24 -13.39 -4.81
N GLU A 82 9.14 -13.29 -6.12
CA GLU A 82 7.99 -13.86 -6.79
C GLU A 82 8.20 -15.38 -6.90
N ASN A 83 9.33 -15.76 -7.48
CA ASN A 83 9.78 -17.14 -7.52
C ASN A 83 9.73 -17.81 -6.16
N CYS A 84 10.35 -17.16 -5.17
CA CYS A 84 10.43 -17.67 -3.81
C CYS A 84 9.09 -18.19 -3.28
N TYR A 85 8.00 -17.54 -3.66
CA TYR A 85 6.66 -18.00 -3.29
C TYR A 85 6.34 -19.35 -3.94
N TYR A 86 6.79 -19.55 -5.18
CA TYR A 86 6.51 -20.79 -5.89
C TYR A 86 7.41 -21.92 -5.41
N SER A 87 8.60 -21.54 -4.96
CA SER A 87 9.51 -22.44 -4.29
C SER A 87 8.84 -22.98 -3.02
N LEU A 88 8.25 -22.08 -2.24
CA LEU A 88 7.52 -22.51 -1.05
C LEU A 88 6.27 -23.31 -1.41
N GLN A 89 5.76 -23.11 -2.62
CA GLN A 89 4.55 -23.82 -3.06
C GLN A 89 4.80 -25.30 -3.28
N SER A 90 5.88 -25.60 -4.00
CA SER A 90 6.35 -26.96 -4.24
C SER A 90 6.72 -27.66 -2.94
N LEU A 91 7.45 -26.93 -2.09
CA LEU A 91 7.85 -27.47 -0.78
C LEU A 91 6.65 -27.87 0.06
N ARG A 92 5.62 -27.03 0.11
CA ARG A 92 4.43 -27.36 0.89
C ARG A 92 3.59 -28.44 0.21
N LYS A 93 3.79 -28.60 -1.09
CA LYS A 93 3.16 -29.68 -1.83
C LYS A 93 3.79 -31.00 -1.37
N LYS A 94 5.12 -31.09 -1.50
CA LYS A 94 5.87 -32.27 -1.06
C LYS A 94 5.65 -32.66 0.41
N MET A 95 5.53 -31.66 1.27
CA MET A 95 5.29 -31.88 2.71
C MET A 95 3.89 -32.38 2.98
N ARG A 96 2.94 -31.94 2.17
CA ARG A 96 1.53 -32.34 2.30
C ARG A 96 1.35 -33.79 1.86
N ASN A 97 2.18 -34.21 0.92
CA ASN A 97 2.07 -35.50 0.23
C ASN A 97 2.96 -36.62 0.77
N ASN A 98 3.98 -36.26 1.54
CA ASN A 98 4.84 -37.23 2.18
C ASN A 98 4.12 -37.79 3.42
N ALA A 99 3.88 -39.11 3.42
CA ALA A 99 3.17 -39.77 4.51
C ALA A 99 4.12 -40.23 5.60
N ALA A 100 5.39 -40.44 5.21
CA ALA A 100 6.50 -40.68 6.15
C ALA A 100 6.75 -39.42 6.97
N TYR A 101 6.72 -38.27 6.30
CA TYR A 101 6.95 -36.97 6.92
C TYR A 101 6.22 -36.79 8.26
N LEU A 102 4.92 -37.02 8.29
CA LEU A 102 4.17 -36.85 9.56
C LEU A 102 4.39 -37.99 10.57
N LYS A 103 5.06 -39.05 10.11
CA LYS A 103 5.33 -40.19 10.97
C LYS A 103 6.71 -40.09 11.67
N GLN A 104 7.61 -39.26 11.11
CA GLN A 104 8.84 -38.85 11.80
C GLN A 104 8.55 -38.39 13.23
N SER A 105 9.45 -38.71 14.16
CA SER A 105 9.25 -38.38 15.59
C SER A 105 9.01 -36.88 15.80
N PHE A 106 8.26 -36.55 16.85
CA PHE A 106 7.68 -35.21 16.98
C PHE A 106 8.67 -34.07 16.74
N ASN A 107 9.69 -33.98 17.60
CA ASN A 107 10.62 -32.86 17.63
C ASN A 107 11.39 -32.68 16.35
N PHE A 108 11.73 -33.78 15.70
CA PHE A 108 12.49 -33.68 14.47
C PHE A 108 11.61 -33.10 13.36
N GLN A 109 10.42 -33.68 13.20
CA GLN A 109 9.50 -33.27 12.15
C GLN A 109 9.03 -31.82 12.41
N GLN A 110 8.67 -31.54 13.66
CA GLN A 110 8.21 -30.22 14.05
C GLN A 110 9.23 -29.12 13.70
N SER A 111 10.51 -29.45 13.82
CA SER A 111 11.57 -28.48 13.67
C SER A 111 11.80 -28.12 12.21
N ILE A 112 11.50 -29.07 11.31
CA ILE A 112 11.54 -28.81 9.88
C ILE A 112 10.34 -27.98 9.48
N SER A 113 9.18 -28.29 10.07
CA SER A 113 7.96 -27.63 9.65
C SER A 113 7.98 -26.20 10.18
N THR A 114 8.79 -25.96 11.21
CA THR A 114 8.91 -24.64 11.84
C THR A 114 9.97 -23.81 11.15
N TYR A 115 11.03 -24.47 10.73
CA TYR A 115 12.01 -23.85 9.89
C TYR A 115 11.34 -23.21 8.69
N VAL A 116 10.48 -23.97 8.02
CA VAL A 116 9.87 -23.53 6.75
C VAL A 116 8.84 -22.40 6.98
N ASP A 117 8.05 -22.53 8.05
CA ASP A 117 7.27 -21.43 8.64
C ASP A 117 8.08 -20.11 8.71
N THR A 118 9.25 -20.14 9.35
CA THR A 118 10.02 -18.92 9.49
C THR A 118 10.62 -18.47 8.15
N LEU A 119 10.59 -19.34 7.13
CA LEU A 119 10.85 -18.90 5.75
C LEU A 119 9.61 -18.22 5.16
N HIS A 120 8.44 -18.60 5.64
CA HIS A 120 7.19 -17.92 5.28
C HIS A 120 7.24 -16.50 5.81
N LEU A 121 7.63 -16.37 7.08
CA LEU A 121 7.73 -15.06 7.73
C LEU A 121 8.84 -14.20 7.14
N GLU A 122 9.92 -14.84 6.72
CA GLU A 122 11.08 -14.15 6.20
C GLU A 122 10.76 -13.51 4.85
N LEU A 123 10.05 -14.23 4.00
CA LEU A 123 9.67 -13.73 2.68
C LEU A 123 8.69 -12.56 2.79
N VAL A 124 7.67 -12.74 3.63
CA VAL A 124 6.69 -11.70 3.87
C VAL A 124 7.33 -10.47 4.54
N SER A 125 8.20 -10.70 5.52
CA SER A 125 8.90 -9.60 6.21
C SER A 125 9.79 -8.81 5.28
N THR A 126 10.38 -9.51 4.31
CA THR A 126 11.24 -8.85 3.35
C THR A 126 10.35 -8.02 2.43
N LEU A 127 9.19 -8.56 2.06
CA LEU A 127 8.21 -7.86 1.23
C LEU A 127 7.74 -6.59 1.91
N TYR A 128 7.40 -6.74 3.19
CA TYR A 128 6.87 -5.66 3.98
C TYR A 128 7.89 -4.54 4.21
N LYS A 129 9.16 -4.89 4.35
CA LYS A 129 10.20 -3.88 4.56
C LYS A 129 10.48 -3.12 3.28
N ILE A 130 10.50 -3.83 2.16
CA ILE A 130 10.72 -3.17 0.87
C ILE A 130 9.56 -2.21 0.59
N LEU A 131 8.37 -2.55 1.04
CA LEU A 131 7.18 -1.76 0.78
C LEU A 131 7.00 -0.64 1.78
N THR A 132 6.88 -0.98 3.06
CA THR A 132 6.58 0.01 4.10
C THR A 132 7.81 0.80 4.53
N ASN A 133 8.93 0.58 3.86
CA ASN A 133 10.15 1.30 4.18
C ASN A 133 11.16 1.37 3.04
N GLY A 134 10.66 1.32 1.81
CA GLY A 134 11.49 1.50 0.62
C GLY A 134 10.70 2.25 -0.45
N PHE A 135 9.63 1.64 -0.95
CA PHE A 135 8.72 2.33 -1.89
C PHE A 135 7.94 3.42 -1.16
N TRP A 136 7.43 3.08 0.03
CA TRP A 136 6.68 4.01 0.90
C TRP A 136 7.42 4.26 2.22
N LYS A 137 7.51 5.52 2.59
CA LYS A 137 7.93 5.88 3.93
C LYS A 137 6.93 6.88 4.47
N ILE A 138 6.15 6.43 5.44
CA ILE A 138 5.06 7.21 5.99
C ILE A 138 5.31 7.41 7.49
N THR A 139 5.90 8.55 7.85
CA THR A 139 5.97 8.92 9.26
C THR A 139 4.60 9.44 9.69
N GLU A 140 4.52 10.07 10.85
CA GLU A 140 3.21 10.50 11.34
C GLU A 140 2.85 11.92 10.88
N ASN A 141 3.74 12.49 10.10
CA ASN A 141 3.47 13.74 9.39
C ASN A 141 4.30 13.88 8.10
N SER A 142 4.64 12.75 7.48
CA SER A 142 5.22 12.77 6.14
C SER A 142 4.73 11.54 5.39
N ILE A 143 4.59 11.68 4.07
CA ILE A 143 4.24 10.57 3.19
C ILE A 143 5.20 10.68 2.03
N GLN A 144 6.06 9.68 1.84
CA GLN A 144 7.00 9.67 0.72
C GLN A 144 6.83 8.42 -0.11
N PHE A 145 6.91 8.55 -1.43
CA PHE A 145 6.78 7.42 -2.33
C PHE A 145 7.88 7.44 -3.36
N THR A 146 8.36 6.24 -3.75
CA THR A 146 9.37 6.09 -4.79
C THR A 146 9.07 4.87 -5.64
N PRO A 147 8.98 5.03 -6.97
CA PRO A 147 8.54 3.95 -7.86
C PRO A 147 9.64 2.92 -8.11
N THR A 148 10.79 3.14 -7.49
CA THR A 148 11.99 2.37 -7.76
C THR A 148 12.86 2.33 -6.52
N VAL A 149 13.47 1.18 -6.28
CA VAL A 149 14.37 1.00 -5.15
C VAL A 149 15.54 0.08 -5.55
N GLU A 150 16.69 0.29 -4.91
CA GLU A 150 17.85 -0.59 -5.04
C GLU A 150 18.16 -1.22 -3.68
N TRP A 151 17.71 -2.46 -3.50
CA TRP A 151 17.60 -3.07 -2.18
C TRP A 151 18.75 -4.01 -1.84
N GLY A 152 19.15 -4.00 -0.57
CA GLY A 152 20.15 -4.93 -0.05
C GLY A 152 21.59 -4.61 -0.41
N LYS A 153 22.53 -5.36 0.18
CA LYS A 153 23.95 -5.17 -0.08
C LYS A 153 24.29 -5.24 -1.57
N ASP A 154 23.63 -6.12 -2.31
CA ASP A 154 23.92 -6.30 -3.73
C ASP A 154 23.18 -5.29 -4.61
N LYS A 155 22.35 -4.45 -3.98
CA LYS A 155 21.65 -3.33 -4.63
C LYS A 155 20.79 -3.72 -5.85
N VAL A 156 19.77 -4.52 -5.61
CA VAL A 156 18.93 -5.02 -6.71
C VAL A 156 17.76 -4.09 -7.00
N HIS A 157 17.56 -3.86 -8.30
CA HIS A 157 16.51 -3.00 -8.82
C HIS A 157 15.14 -3.66 -8.69
N ILE A 158 14.21 -2.94 -8.06
CA ILE A 158 12.81 -3.39 -7.97
C ILE A 158 11.85 -2.24 -8.31
N GLU A 159 10.89 -2.53 -9.18
CA GLU A 159 9.91 -1.55 -9.63
C GLU A 159 8.54 -1.78 -9.01
N TYR A 160 7.97 -0.72 -8.45
CA TYR A 160 6.74 -0.76 -7.65
C TYR A 160 5.56 -1.47 -8.29
N ASP A 161 5.35 -1.25 -9.59
CA ASP A 161 4.20 -1.84 -10.29
C ASP A 161 4.39 -3.35 -10.48
N THR A 162 5.56 -3.74 -10.95
CA THR A 162 5.92 -5.16 -11.08
C THR A 162 5.75 -5.88 -9.73
N PHE A 163 6.38 -5.32 -8.69
CA PHE A 163 6.30 -5.80 -7.33
C PHE A 163 4.85 -5.96 -6.85
N MET A 164 4.06 -4.89 -6.99
CA MET A 164 2.70 -4.87 -6.46
C MET A 164 1.78 -5.73 -7.29
N ASP A 165 2.17 -5.96 -8.54
CA ASP A 165 1.49 -6.92 -9.39
C ASP A 165 1.53 -8.35 -8.78
N PHE A 166 2.74 -8.88 -8.53
CA PHE A 166 2.83 -10.24 -7.99
C PHE A 166 2.35 -10.36 -6.54
N VAL A 167 2.52 -9.29 -5.78
CA VAL A 167 2.13 -9.30 -4.38
C VAL A 167 0.62 -9.46 -4.27
N ALA A 168 -0.11 -8.72 -5.12
CA ALA A 168 -1.58 -8.75 -5.15
C ALA A 168 -2.06 -10.15 -5.52
N GLN A 169 -1.54 -10.64 -6.64
CA GLN A 169 -1.82 -11.98 -7.16
C GLN A 169 -1.65 -13.12 -6.13
N GLN A 170 -0.47 -13.16 -5.50
CA GLN A 170 -0.09 -14.27 -4.61
C GLN A 170 -0.77 -14.24 -3.25
N TYR A 171 -1.03 -13.06 -2.70
CA TYR A 171 -1.48 -12.94 -1.31
C TYR A 171 -2.89 -12.41 -1.16
N PHE A 172 -3.30 -11.60 -2.15
CA PHE A 172 -4.63 -10.99 -2.15
C PHE A 172 -5.31 -11.11 -3.51
N PRO A 173 -5.44 -12.35 -4.05
CA PRO A 173 -5.90 -12.51 -5.43
C PRO A 173 -7.40 -12.20 -5.58
N LYS A 174 -8.13 -12.34 -4.48
CA LYS A 174 -9.56 -12.14 -4.47
C LYS A 174 -9.88 -10.65 -4.36
N GLY A 175 -8.86 -9.86 -4.04
CA GLY A 175 -9.02 -8.45 -3.79
C GLY A 175 -8.88 -8.15 -2.30
N SER A 176 -9.07 -9.18 -1.48
CA SER A 176 -8.80 -9.08 -0.03
C SER A 176 -7.75 -10.12 0.42
N LEU A 177 -7.48 -10.20 1.72
CA LEU A 177 -6.57 -11.23 2.23
C LEU A 177 -7.25 -12.60 2.30
N ASP A 178 -6.64 -13.58 1.64
CA ASP A 178 -7.16 -14.95 1.59
C ASP A 178 -6.75 -15.73 2.85
N ASN A 179 -7.62 -15.73 3.86
CA ASN A 179 -7.29 -16.39 5.12
C ASN A 179 -7.36 -17.92 5.10
N GLN A 180 -7.80 -18.47 3.99
CA GLN A 180 -7.89 -19.92 3.81
C GLN A 180 -6.78 -20.39 2.87
N ALA A 181 -5.86 -19.51 2.52
CA ALA A 181 -4.80 -19.86 1.56
C ALA A 181 -3.67 -20.66 2.22
N TRP A 182 -3.08 -21.58 1.45
CA TRP A 182 -2.07 -22.48 2.00
C TRP A 182 -0.92 -21.75 2.72
N PHE A 183 -0.47 -20.64 2.15
CA PHE A 183 0.56 -19.81 2.78
C PHE A 183 0.27 -19.52 4.27
N ILE A 184 -0.94 -19.06 4.57
CA ILE A 184 -1.26 -18.83 5.96
C ILE A 184 -1.50 -20.18 6.60
N LEU A 185 -2.36 -20.96 5.94
CA LEU A 185 -2.97 -22.14 6.54
C LEU A 185 -2.06 -23.32 6.85
N ASP A 186 -1.06 -23.57 6.00
CA ASP A 186 -0.05 -24.61 6.25
C ASP A 186 0.92 -24.34 7.41
N MET A 187 1.02 -23.09 7.86
CA MET A 187 1.90 -22.77 8.97
C MET A 187 1.41 -23.41 10.26
N THR A 188 2.35 -23.86 11.08
CA THR A 188 2.02 -24.69 12.25
C THR A 188 2.73 -24.18 13.51
N SER A 189 3.06 -22.89 13.52
CA SER A 189 3.58 -22.21 14.70
C SER A 189 2.73 -20.96 14.86
N ALA A 190 2.08 -20.83 16.03
CA ALA A 190 1.10 -19.78 16.27
C ALA A 190 1.63 -18.35 16.09
N ASP A 191 2.81 -18.07 16.66
CA ASP A 191 3.40 -16.73 16.64
C ASP A 191 3.84 -16.28 15.26
N SER A 192 4.46 -17.16 14.50
CA SER A 192 4.86 -16.83 13.14
C SER A 192 3.69 -16.66 12.18
N GLN A 193 2.55 -17.24 12.52
CA GLN A 193 1.40 -17.18 11.66
C GLN A 193 0.70 -15.87 11.91
N GLU A 194 0.46 -15.56 13.19
CA GLU A 194 -0.06 -14.27 13.60
C GLU A 194 0.73 -13.12 12.95
N GLN A 195 2.04 -13.19 13.04
CA GLN A 195 2.91 -12.20 12.39
C GLN A 195 2.77 -12.14 10.88
N VAL A 196 2.61 -13.28 10.22
CA VAL A 196 2.42 -13.27 8.77
C VAL A 196 1.08 -12.60 8.42
N ARG A 197 0.05 -12.85 9.23
CA ARG A 197 -1.26 -12.27 9.01
C ARG A 197 -1.18 -10.76 9.18
N ALA A 198 -0.88 -10.30 10.39
CA ALA A 198 -0.60 -8.90 10.67
C ALA A 198 0.09 -8.16 9.49
N LYS A 199 1.25 -8.66 9.05
CA LYS A 199 2.01 -7.96 7.99
C LYS A 199 1.23 -7.86 6.69
N LEU A 200 0.70 -9.00 6.23
CA LEU A 200 -0.16 -9.04 5.06
C LEU A 200 -1.44 -8.18 5.20
N ASN A 201 -2.04 -8.20 6.39
CA ASN A 201 -3.24 -7.41 6.66
C ASN A 201 -2.98 -5.92 6.51
N THR A 202 -1.86 -5.43 7.08
CA THR A 202 -1.56 -4.00 6.96
C THR A 202 -1.11 -3.62 5.55
N ILE A 203 -0.47 -4.54 4.85
CA ILE A 203 -0.11 -4.31 3.45
C ILE A 203 -1.38 -4.07 2.63
N MET A 204 -2.45 -4.77 2.97
CA MET A 204 -3.71 -4.56 2.30
C MET A 204 -4.35 -3.27 2.79
N LYS A 205 -4.53 -3.18 4.10
CA LYS A 205 -5.23 -2.06 4.70
C LYS A 205 -4.57 -0.71 4.39
N GLU A 206 -3.24 -0.65 4.49
CA GLU A 206 -2.52 0.63 4.47
C GLU A 206 -1.66 0.88 3.24
N TYR A 207 -1.37 -0.14 2.45
CA TYR A 207 -0.47 0.05 1.28
C TYR A 207 -1.15 -0.37 0.00
N MET A 208 -2.41 -0.80 0.14
CA MET A 208 -3.27 -1.11 -1.00
C MET A 208 -4.55 -0.28 -0.98
N ASN A 209 -5.23 -0.28 0.17
CA ASN A 209 -6.38 0.57 0.41
C ASN A 209 -5.97 1.94 0.94
N LEU A 210 -4.66 2.11 1.16
CA LEU A 210 -4.04 3.39 1.57
C LEU A 210 -4.75 4.08 2.73
N SER A 211 -5.31 3.30 3.63
CA SER A 211 -6.22 3.87 4.63
C SER A 211 -5.63 4.99 5.48
N ARG A 212 -4.36 4.88 5.87
CA ARG A 212 -3.76 5.88 6.74
C ARG A 212 -3.48 7.20 6.01
N ILE A 213 -2.92 7.10 4.81
CA ILE A 213 -2.76 8.22 3.90
C ILE A 213 -4.08 8.98 3.71
N VAL A 214 -5.12 8.24 3.35
CA VAL A 214 -6.48 8.77 3.20
C VAL A 214 -6.93 9.55 4.44
N SER A 215 -6.57 9.09 5.63
CA SER A 215 -7.03 9.77 6.84
C SER A 215 -6.13 10.94 7.22
N MET A 216 -4.85 10.86 6.86
CA MET A 216 -3.94 11.98 7.15
C MET A 216 -4.35 13.20 6.29
N ILE A 217 -4.65 12.94 5.03
CA ILE A 217 -5.15 13.96 4.10
C ILE A 217 -6.50 14.48 4.54
N LYS A 218 -7.41 13.57 4.85
CA LYS A 218 -8.74 13.92 5.36
C LYS A 218 -8.70 14.83 6.58
N ASN A 219 -7.75 14.59 7.48
CA ASN A 219 -7.67 15.33 8.74
C ASN A 219 -6.89 16.65 8.66
N SER A 220 -6.46 17.02 7.45
CA SER A 220 -5.71 18.27 7.29
C SER A 220 -6.33 19.27 6.32
N ILE A 221 -6.88 18.80 5.20
CA ILE A 221 -7.36 19.69 4.15
C ILE A 221 -8.49 20.61 4.65
N PHE A 222 -8.35 21.91 4.35
CA PHE A 222 -9.36 22.94 4.65
C PHE A 222 -9.60 23.13 6.14
N ILE A 223 -8.59 22.79 6.94
CA ILE A 223 -8.69 22.96 8.38
C ILE A 223 -7.65 23.98 8.77
N SER A 224 -8.12 25.06 9.40
CA SER A 224 -7.29 26.21 9.70
C SER A 224 -6.24 25.87 10.76
N GLY A 225 -4.97 26.17 10.45
CA GLY A 225 -3.87 25.86 11.35
C GLY A 225 -3.18 24.54 11.04
N LYS A 226 -3.76 23.79 10.09
CA LYS A 226 -3.14 22.58 9.57
C LYS A 226 -2.52 22.85 8.21
N GLU A 227 -1.19 22.89 8.18
CA GLU A 227 -0.49 23.13 6.94
C GLU A 227 -0.03 21.80 6.30
N ILE A 228 0.08 21.83 4.97
CA ILE A 228 0.54 20.71 4.18
C ILE A 228 1.46 21.29 3.13
N SER A 229 2.53 20.58 2.79
CA SER A 229 3.51 21.06 1.82
C SER A 229 4.00 19.92 0.94
N TYR A 230 4.46 20.22 -0.25
CA TYR A 230 4.88 19.17 -1.16
C TYR A 230 6.20 19.51 -1.81
N GLU A 231 7.20 18.68 -1.54
CA GLU A 231 8.52 18.83 -2.11
C GLU A 231 8.63 17.84 -3.25
N ASN A 232 8.55 18.35 -4.47
CA ASN A 232 8.47 17.49 -5.64
C ASN A 232 9.72 16.66 -5.97
N GLU A 233 10.88 17.15 -5.52
CA GLU A 233 12.15 16.47 -5.81
C GLU A 233 12.30 15.16 -5.02
N LYS A 234 12.19 15.26 -3.70
CA LYS A 234 12.22 14.09 -2.80
C LYS A 234 10.87 13.38 -2.74
N ASN A 235 9.88 13.92 -3.47
CA ASN A 235 8.51 13.40 -3.53
C ASN A 235 7.85 13.11 -2.16
N ILE A 236 7.93 14.08 -1.26
CA ILE A 236 7.38 13.92 0.09
C ILE A 236 6.24 14.90 0.33
N LEU A 237 5.21 14.45 1.02
CA LEU A 237 4.14 15.30 1.46
C LEU A 237 4.22 15.49 2.97
N VAL A 238 4.52 16.72 3.39
CA VAL A 238 4.80 17.07 4.78
C VAL A 238 3.62 17.78 5.43
N PHE A 239 3.23 17.33 6.62
CA PHE A 239 2.16 17.95 7.37
C PHE A 239 2.78 18.76 8.51
N SER A 240 2.29 19.98 8.72
CA SER A 240 2.85 20.92 9.69
C SER A 240 1.77 21.50 10.58
N LYS A 241 2.14 22.53 11.35
CA LYS A 241 1.19 23.32 12.13
C LYS A 241 1.55 24.79 11.95
N SER A 242 0.53 25.66 11.85
CA SER A 242 0.73 27.12 11.71
C SER A 242 -0.43 27.92 12.30
N CYS A 249 -3.51 33.26 5.22
CA CYS A 249 -4.33 32.26 5.92
C CYS A 249 -5.32 31.51 5.01
N VAL A 250 -6.22 32.25 4.36
CA VAL A 250 -7.05 31.70 3.29
C VAL A 250 -6.13 31.17 2.20
N SER A 251 -5.03 31.90 1.98
CA SER A 251 -4.00 31.51 1.04
C SER A 251 -3.27 30.23 1.48
N THR A 252 -3.01 30.10 2.77
CA THR A 252 -2.25 28.97 3.29
C THR A 252 -3.06 27.67 3.15
N VAL A 253 -4.37 27.77 3.35
CA VAL A 253 -5.25 26.63 3.20
C VAL A 253 -5.26 26.15 1.74
N LEU A 254 -5.47 27.07 0.81
CA LEU A 254 -5.47 26.73 -0.62
C LEU A 254 -4.14 26.15 -1.08
N THR A 255 -3.05 26.72 -0.60
CA THR A 255 -1.71 26.34 -1.05
C THR A 255 -1.31 24.92 -0.56
N SER A 256 -1.90 24.53 0.56
CA SER A 256 -1.65 23.24 1.17
C SER A 256 -2.56 22.14 0.56
N PHE A 257 -3.81 22.49 0.25
CA PHE A 257 -4.66 21.62 -0.56
C PHE A 257 -4.11 21.44 -1.99
N GLU A 258 -3.42 22.45 -2.50
CA GLU A 258 -2.75 22.31 -3.79
C GLU A 258 -1.57 21.34 -3.70
N ALA A 259 -0.98 21.24 -2.50
CA ALA A 259 0.13 20.30 -2.25
C ALA A 259 -0.34 18.85 -2.43
N VAL A 260 -1.45 18.53 -1.76
CA VAL A 260 -2.16 17.28 -1.88
C VAL A 260 -2.48 16.95 -3.33
N CYS A 261 -3.04 17.91 -4.04
CA CYS A 261 -3.35 17.77 -5.45
C CYS A 261 -2.12 17.46 -6.29
N ASP A 262 -1.02 18.16 -6.05
CA ASP A 262 0.19 18.00 -6.85
C ASP A 262 0.83 16.63 -6.62
N PHE A 263 0.62 16.13 -5.41
CA PHE A 263 1.22 14.88 -4.95
C PHE A 263 0.51 13.72 -5.62
N MET A 264 -0.81 13.85 -5.78
CA MET A 264 -1.64 12.84 -6.44
C MET A 264 -1.50 12.89 -7.95
N LEU A 265 -1.43 14.10 -8.49
CA LEU A 265 -1.23 14.27 -9.92
C LEU A 265 0.12 13.71 -10.35
N ASP A 266 1.17 14.12 -9.64
CA ASP A 266 2.55 13.91 -10.08
C ASP A 266 3.35 12.95 -9.20
N GLY A 267 2.89 12.72 -7.97
CA GLY A 267 3.68 11.94 -7.00
C GLY A 267 3.46 10.43 -6.95
N LEU A 268 2.43 9.95 -7.65
CA LEU A 268 1.94 8.57 -7.47
C LEU A 268 2.01 7.67 -8.70
N ALA A 269 1.93 6.38 -8.43
CA ALA A 269 1.68 5.38 -9.46
C ALA A 269 0.19 5.35 -9.78
N PHE A 270 -0.14 5.00 -11.02
CA PHE A 270 -1.53 4.99 -11.50
C PHE A 270 -2.49 4.33 -10.48
N ARG A 271 -2.01 3.25 -9.90
CA ARG A 271 -2.68 2.43 -8.91
C ARG A 271 -3.24 3.26 -7.75
N ASP A 272 -2.37 4.10 -7.18
CA ASP A 272 -2.66 4.77 -5.91
C ASP A 272 -3.36 6.12 -6.07
N ARG A 273 -3.05 6.80 -7.18
CA ARG A 273 -3.81 7.98 -7.56
C ARG A 273 -5.28 7.61 -7.72
N LYS A 274 -5.53 6.45 -8.35
CA LYS A 274 -6.89 5.98 -8.60
C LYS A 274 -7.61 5.63 -7.31
N THR A 275 -6.88 5.06 -6.37
CA THR A 275 -7.46 4.63 -5.10
C THR A 275 -7.78 5.82 -4.24
N LEU A 276 -6.88 6.81 -4.23
CA LEU A 276 -7.05 7.98 -3.38
C LEU A 276 -8.13 8.87 -3.99
N SER A 277 -8.04 9.07 -5.29
CA SER A 277 -9.06 9.85 -5.97
C SER A 277 -10.45 9.26 -5.79
N TYR A 278 -10.57 7.93 -5.82
CA TYR A 278 -11.86 7.28 -5.61
C TYR A 278 -12.35 7.68 -4.24
N GLU A 279 -11.48 7.58 -3.25
CA GLU A 279 -11.81 7.78 -1.83
C GLU A 279 -11.99 9.24 -1.41
N LEU A 280 -11.26 10.15 -2.07
CA LEU A 280 -11.21 11.55 -1.62
C LEU A 280 -11.96 12.50 -2.54
N GLY A 281 -12.05 12.15 -3.82
CA GLY A 281 -12.75 12.94 -4.84
C GLY A 281 -14.08 13.59 -4.47
N PRO A 282 -15.09 12.80 -4.10
CA PRO A 282 -16.30 13.39 -3.52
C PRO A 282 -16.03 14.51 -2.49
N LEU A 283 -15.12 14.28 -1.55
CA LEU A 283 -14.84 15.27 -0.49
C LEU A 283 -14.09 16.46 -1.05
N PHE A 284 -13.10 16.21 -1.90
CA PHE A 284 -12.40 17.27 -2.61
C PHE A 284 -13.42 18.26 -3.21
N ASN A 285 -14.35 17.76 -4.02
CA ASN A 285 -15.48 18.54 -4.61
C ASN A 285 -16.29 19.42 -3.65
N THR A 286 -16.88 18.79 -2.62
CA THR A 286 -17.73 19.49 -1.67
C THR A 286 -16.94 20.59 -0.98
N GLU A 287 -15.74 20.27 -0.53
CA GLU A 287 -14.97 21.18 0.33
C GLU A 287 -14.20 22.27 -0.40
N PHE A 288 -13.75 22.03 -1.63
CA PHE A 288 -13.09 23.09 -2.41
C PHE A 288 -14.05 24.23 -2.60
N THR A 289 -15.24 23.95 -3.15
CA THR A 289 -16.19 24.99 -3.48
C THR A 289 -16.77 25.65 -2.21
N LYS A 290 -17.16 24.85 -1.22
CA LYS A 290 -17.67 25.37 0.05
C LYS A 290 -16.69 26.39 0.63
N PHE A 291 -15.40 26.08 0.57
CA PHE A 291 -14.37 26.97 1.08
C PHE A 291 -14.25 28.26 0.26
N VAL A 292 -14.33 28.12 -1.06
CA VAL A 292 -14.22 29.27 -1.96
C VAL A 292 -15.41 30.20 -1.74
N LYS A 293 -16.62 29.63 -1.71
CA LYS A 293 -17.84 30.38 -1.42
C LYS A 293 -17.80 31.03 -0.05
N ASN A 294 -17.32 30.30 0.96
CA ASN A 294 -17.22 30.85 2.32
C ASN A 294 -16.21 31.99 2.45
N ASN A 295 -15.25 32.04 1.54
CA ASN A 295 -14.23 33.10 1.55
C ASN A 295 -14.30 33.93 0.26
N ALA A 296 -15.52 34.15 -0.19
CA ALA A 296 -15.78 34.86 -1.44
C ALA A 296 -15.28 36.29 -1.33
N SER A 297 -15.59 36.92 -0.19
CA SER A 297 -15.29 38.33 0.02
C SER A 297 -13.80 38.62 -0.01
N ILE A 298 -12.97 37.65 0.32
CA ILE A 298 -11.52 37.83 0.18
C ILE A 298 -10.98 37.35 -1.19
N ILE A 299 -11.67 36.40 -1.80
CA ILE A 299 -11.20 35.81 -3.06
C ILE A 299 -11.78 36.54 -4.29
N LEU A 300 -13.06 36.91 -4.20
CA LEU A 300 -13.81 37.36 -5.36
C LEU A 300 -14.18 38.84 -5.32
N GLU A 301 -13.91 39.51 -4.20
CA GLU A 301 -14.39 40.89 -4.00
C GLU A 301 -13.80 41.87 -5.00
N SER A 302 -12.55 41.64 -5.37
CA SER A 302 -11.90 42.34 -6.45
C SER A 302 -12.01 41.48 -7.72
N LEU A 303 -11.94 42.13 -8.88
CA LEU A 303 -12.06 41.43 -10.16
C LEU A 303 -10.81 40.61 -10.48
N ASP A 304 -9.65 41.17 -10.15
CA ASP A 304 -8.38 40.49 -10.33
C ASP A 304 -7.61 40.29 -9.02
N SER A 305 -8.33 39.82 -8.00
CA SER A 305 -7.74 39.36 -6.73
C SER A 305 -6.73 38.21 -6.97
N PRO A 306 -5.54 38.26 -6.32
CA PRO A 306 -4.47 37.27 -6.60
C PRO A 306 -4.73 35.85 -6.05
N LEU A 307 -5.70 35.73 -5.15
CA LEU A 307 -6.20 34.44 -4.70
C LEU A 307 -6.93 33.71 -5.82
N LYS A 308 -7.47 34.47 -6.79
CA LYS A 308 -8.15 33.90 -7.98
C LYS A 308 -7.22 33.05 -8.84
N ASN A 309 -5.97 33.45 -9.01
CA ASN A 309 -4.99 32.63 -9.76
C ASN A 309 -4.80 31.24 -9.15
N LEU A 310 -4.74 31.20 -7.82
CA LEU A 310 -4.49 29.97 -7.07
C LEU A 310 -5.71 29.09 -7.12
N VAL A 311 -6.87 29.70 -6.88
CA VAL A 311 -8.15 28.99 -6.98
C VAL A 311 -8.42 28.44 -8.38
N SER A 312 -8.11 29.23 -9.40
CA SER A 312 -8.18 28.77 -10.78
C SER A 312 -7.35 27.52 -10.96
N VAL A 313 -6.07 27.62 -10.60
CA VAL A 313 -5.10 26.55 -10.80
C VAL A 313 -5.49 25.22 -10.14
N ILE A 314 -5.96 25.28 -8.89
CA ILE A 314 -6.44 24.11 -8.17
C ILE A 314 -7.65 23.51 -8.86
N ASN A 315 -8.54 24.39 -9.31
CA ASN A 315 -9.71 24.00 -10.11
C ASN A 315 -9.35 23.17 -11.36
N ASN A 316 -8.42 23.65 -12.17
CA ASN A 316 -8.03 22.90 -13.36
C ASN A 316 -7.28 21.63 -12.97
N LYS A 317 -6.63 21.63 -11.81
CA LYS A 317 -5.92 20.45 -11.34
C LYS A 317 -6.88 19.37 -10.89
N LEU A 318 -7.93 19.76 -10.14
CA LEU A 318 -8.94 18.80 -9.76
C LEU A 318 -9.57 18.15 -10.99
N THR A 319 -9.65 18.91 -12.08
CA THR A 319 -10.24 18.44 -13.32
C THR A 319 -9.27 17.45 -13.99
N ARG A 320 -7.98 17.77 -13.99
CA ARG A 320 -6.94 16.87 -14.49
C ARG A 320 -6.88 15.59 -13.65
N LEU A 321 -7.18 15.70 -12.35
CA LEU A 321 -7.14 14.55 -11.45
C LEU A 321 -8.16 13.49 -11.86
N VAL A 322 -9.44 13.88 -11.96
CA VAL A 322 -10.50 12.97 -12.39
C VAL A 322 -10.08 12.26 -13.67
N ALA A 323 -9.78 13.02 -14.71
CA ALA A 323 -9.34 12.41 -15.96
C ALA A 323 -8.22 11.39 -15.73
N LYS A 324 -7.22 11.78 -14.93
CA LYS A 324 -5.98 11.02 -14.80
C LYS A 324 -6.13 9.76 -13.95
N SER A 325 -6.87 9.88 -12.85
CA SER A 325 -7.16 8.76 -11.97
C SER A 325 -8.11 7.75 -12.62
N GLU A 326 -8.92 8.24 -13.56
CA GLU A 326 -9.86 7.45 -14.34
C GLU A 326 -11.06 6.93 -13.55
N VAL A 327 -11.39 7.56 -12.42
CA VAL A 327 -12.56 7.14 -11.63
C VAL A 327 -13.87 7.61 -12.24
N THR A 328 -14.98 7.19 -11.63
CA THR A 328 -16.29 7.55 -12.11
C THR A 328 -17.21 7.88 -10.95
N ASN A 329 -16.70 7.82 -9.72
CA ASN A 329 -17.53 8.13 -8.56
C ASN A 329 -17.68 9.62 -8.28
N TRP A 330 -16.88 10.45 -8.97
CA TRP A 330 -17.02 11.91 -8.93
C TRP A 330 -16.58 12.54 -10.25
N THR A 331 -17.05 13.75 -10.50
CA THR A 331 -16.67 14.46 -11.71
C THR A 331 -16.27 15.91 -11.39
N HIS A 332 -15.46 16.50 -12.27
CA HIS A 332 -15.06 17.90 -12.09
C HIS A 332 -14.74 18.57 -13.42
N SER A 333 -15.77 19.20 -13.98
CA SER A 333 -15.61 19.99 -15.21
C SER A 333 -14.88 21.29 -14.86
N GLY A 334 -15.15 21.78 -13.64
CA GLY A 334 -14.50 22.99 -13.14
C GLY A 334 -15.21 24.25 -13.60
N LYS A 335 -16.41 24.06 -14.14
CA LYS A 335 -17.23 25.10 -14.73
C LYS A 335 -17.66 26.08 -13.65
N GLU A 336 -18.30 25.57 -12.60
CA GLU A 336 -18.86 26.39 -11.54
C GLU A 336 -17.84 27.39 -11.00
N ILE A 337 -16.60 26.94 -10.80
CA ILE A 337 -15.55 27.80 -10.28
C ILE A 337 -15.02 28.77 -11.34
N GLN A 338 -14.78 28.30 -12.57
CA GLN A 338 -14.38 29.19 -13.66
C GLN A 338 -15.35 30.39 -13.74
N ASP A 339 -16.65 30.09 -13.74
CA ASP A 339 -17.71 31.11 -13.75
C ASP A 339 -17.61 32.09 -12.58
N LEU A 340 -17.65 31.56 -11.36
CA LEU A 340 -17.56 32.34 -10.12
C LEU A 340 -16.36 33.29 -10.09
N LEU A 341 -15.23 32.86 -10.66
CA LEU A 341 -14.04 33.67 -10.70
C LEU A 341 -14.10 34.73 -11.78
N MET A 342 -14.95 34.51 -12.78
CA MET A 342 -14.95 35.36 -13.98
C MET A 342 -16.04 36.45 -13.90
N ASN A 343 -17.15 36.10 -13.26
CA ASN A 343 -18.36 36.88 -13.28
C ASN A 343 -18.62 37.48 -11.90
N LYS A 344 -18.37 38.78 -11.79
CA LYS A 344 -18.52 39.52 -10.54
C LYS A 344 -19.94 39.43 -9.99
N GLN A 345 -20.91 39.31 -10.87
CA GLN A 345 -22.30 39.23 -10.47
C GLN A 345 -22.56 38.04 -9.56
N LEU A 346 -21.81 36.97 -9.79
CA LEU A 346 -21.96 35.76 -9.00
C LEU A 346 -21.53 35.96 -7.55
N TYR A 347 -20.47 36.74 -7.35
CA TYR A 347 -20.09 37.22 -6.02
C TYR A 347 -21.25 37.97 -5.36
N TYR A 348 -21.78 38.97 -6.06
CA TYR A 348 -22.93 39.72 -5.52
C TYR A 348 -24.11 38.81 -5.20
N ASN A 349 -24.31 37.77 -6.01
CA ASN A 349 -25.38 36.80 -5.75
C ASN A 349 -25.19 36.04 -4.45
N LEU A 350 -23.95 35.62 -4.17
CA LEU A 350 -23.62 34.96 -2.92
C LEU A 350 -23.95 35.85 -1.73
N LEU A 351 -23.51 37.11 -1.79
CA LEU A 351 -23.84 38.11 -0.77
C LEU A 351 -25.35 38.23 -0.60
N LEU A 352 -26.04 38.38 -1.72
CA LEU A 352 -27.50 38.49 -1.75
C LEU A 352 -28.15 37.26 -1.13
N ASP A 353 -27.67 36.10 -1.54
CA ASP A 353 -28.21 34.84 -1.08
C ASP A 353 -28.01 34.65 0.42
N LYS A 354 -26.77 34.85 0.87
CA LYS A 354 -26.40 34.77 2.27
C LYS A 354 -27.28 35.68 3.15
N VAL A 355 -27.44 36.92 2.71
CA VAL A 355 -28.24 37.91 3.42
C VAL A 355 -29.69 37.44 3.59
N LEU A 356 -30.26 36.88 2.53
CA LEU A 356 -31.67 36.47 2.52
C LEU A 356 -32.00 35.24 3.37
N GLU A 357 -30.96 34.52 3.83
CA GLU A 357 -31.14 33.38 4.73
C GLU A 357 -31.64 33.80 6.11
N SER A 358 -30.98 34.81 6.69
CA SER A 358 -31.35 35.30 8.02
C SER A 358 -32.17 36.61 8.01
N HIS A 359 -32.58 37.03 6.80
CA HIS A 359 -33.39 38.24 6.62
C HIS A 359 -34.85 38.00 6.99
#